data_3S6K
#
_entry.id   3S6K
#
_cell.length_a   133.228
_cell.length_b   133.228
_cell.length_c   191.364
_cell.angle_alpha   90.00
_cell.angle_beta   90.00
_cell.angle_gamma   120.00
#
_symmetry.space_group_name_H-M   'P 62 2 2'
#
_entity_poly.entity_id   1
_entity_poly.type   'polypeptide(L)'
_entity_poly.pdbx_seq_one_letter_code
;(MSE)GSSHHHHHHSSGLVPRGSH(MSE)SLPAQPHKQTRQTIVRLLSS(MSE)ASAKEISQYLKRFSQLDAKRFAVVKV
GGAVLRDDLEALTSSLSFLQEVGLTPIVLHGAGPQLDAELSAAGIEKQTVNGLRVTSPHALAIVRKVFQASNLKLVEALQ
QNGARATSITGGVFEAEYLNRDTYGLVGEVKAVNLAPIEASLQAGSIPVITSLGETPSGQILNVNADFAANELVQELQPY
KIIFLTGTGGLLDAEGKLIDSINLSTEYDHL(MSE)QQPWINGG(MSE)RVKIEQIKDLLDRLPLESSVSITRPADLAKE
LFTHKGSGTLVRRGERVLRATSWDELDLPRLTSLIESSFGRTLVPDYFSNTKLLRAYVSENYRAAVILTDEG(MSE)LGA
SALIYLDKFAVLDDAQGEGLGRAVWNV(MSE)REETPQLFWRSRHNNQVNIFYYAESDGCIKQEKWKVFWYGLENFEQIQ
HCVAHCATRQPTLLG
;
_entity_poly.pdbx_strand_id   A
#
# COMPACT_ATOMS: atom_id res chain seq x y z
N GLN A 30 -21.71 -0.93 -12.50
CA GLN A 30 -21.86 -2.26 -13.07
C GLN A 30 -20.98 -3.29 -12.37
N THR A 31 -19.66 -3.14 -12.50
CA THR A 31 -18.71 -4.07 -11.90
C THR A 31 -18.81 -4.05 -10.40
N ARG A 32 -18.72 -2.84 -9.84
CA ARG A 32 -18.72 -2.67 -8.39
C ARG A 32 -19.98 -3.26 -7.77
N GLN A 33 -21.08 -3.15 -8.51
CA GLN A 33 -22.35 -3.73 -8.12
C GLN A 33 -22.16 -5.16 -7.63
N THR A 34 -21.17 -5.84 -8.21
CA THR A 34 -20.94 -7.26 -7.94
C THR A 34 -19.59 -7.54 -7.31
N ILE A 35 -18.59 -6.74 -7.64
CA ILE A 35 -17.29 -6.90 -7.01
C ILE A 35 -17.52 -6.95 -5.50
N VAL A 36 -18.44 -6.12 -5.03
CA VAL A 36 -18.76 -6.01 -3.63
C VAL A 36 -19.68 -7.14 -3.17
N ARG A 37 -20.41 -7.73 -4.12
CA ARG A 37 -21.27 -8.86 -3.83
C ARG A 37 -20.44 -10.11 -3.57
N LEU A 38 -19.49 -10.38 -4.46
CA LEU A 38 -18.49 -11.42 -4.20
C LEU A 38 -17.92 -11.14 -2.82
N LEU A 39 -17.78 -9.85 -2.51
CA LEU A 39 -17.18 -9.40 -1.27
C LEU A 39 -18.06 -9.64 -0.03
N SER A 40 -19.06 -8.79 0.14
CA SER A 40 -19.90 -8.76 1.35
C SER A 40 -19.99 -10.07 2.15
N SER A 41 -20.26 -11.19 1.48
CA SER A 41 -20.54 -12.45 2.17
C SER A 41 -19.33 -13.16 2.78
N ALA A 43 -14.83 -12.86 4.23
CA ALA A 43 -14.05 -12.41 5.38
C ALA A 43 -13.49 -11.00 5.29
N SER A 44 -12.46 -10.85 4.46
CA SER A 44 -11.77 -9.57 4.33
C SER A 44 -12.59 -8.61 3.46
N ALA A 45 -13.86 -8.94 3.28
CA ALA A 45 -14.76 -8.17 2.42
C ALA A 45 -15.01 -6.75 2.92
N LYS A 46 -15.33 -6.63 4.20
CA LYS A 46 -15.65 -5.34 4.82
C LYS A 46 -14.61 -4.25 4.50
N GLU A 47 -13.36 -4.65 4.38
CA GLU A 47 -12.24 -3.71 4.32
C GLU A 47 -11.81 -3.45 2.88
N ILE A 48 -12.30 -4.28 1.97
CA ILE A 48 -11.95 -4.17 0.57
C ILE A 48 -13.08 -3.51 -0.22
N SER A 49 -14.30 -3.93 0.06
CA SER A 49 -15.47 -3.33 -0.57
C SER A 49 -15.48 -1.83 -0.30
N GLN A 50 -15.04 -1.47 0.90
CA GLN A 50 -14.90 -0.07 1.26
C GLN A 50 -13.92 0.62 0.32
N TYR A 51 -12.86 -0.09 -0.03
CA TYR A 51 -11.88 0.43 -0.97
C TYR A 51 -12.50 0.69 -2.34
N LEU A 52 -13.61 0.03 -2.62
CA LEU A 52 -14.26 0.13 -3.91
C LEU A 52 -15.39 1.16 -3.92
N LYS A 53 -15.74 1.67 -2.75
CA LYS A 53 -16.80 2.67 -2.62
C LYS A 53 -16.23 4.09 -2.49
N ARG A 54 -15.04 4.20 -1.92
CA ARG A 54 -14.42 5.51 -1.68
C ARG A 54 -13.63 6.01 -2.89
N PHE A 55 -13.49 5.14 -3.89
CA PHE A 55 -12.74 5.52 -5.08
C PHE A 55 -13.48 5.26 -6.39
N SER A 56 -14.58 4.52 -6.33
CA SER A 56 -15.37 4.26 -7.52
C SER A 56 -15.78 5.58 -8.16
N GLN A 57 -15.74 5.62 -9.49
CA GLN A 57 -15.89 6.86 -10.25
C GLN A 57 -14.87 7.91 -9.83
N LEU A 58 -13.99 8.25 -10.77
CA LEU A 58 -12.96 9.27 -10.58
C LEU A 58 -11.90 9.07 -11.66
N ASP A 59 -12.11 9.73 -12.81
CA ASP A 59 -11.25 9.56 -13.97
C ASP A 59 -10.94 8.10 -14.29
N ALA A 60 -10.34 7.86 -15.44
CA ALA A 60 -9.91 6.52 -15.81
C ALA A 60 -8.41 6.42 -15.62
N LYS A 61 -7.70 7.35 -16.25
CA LYS A 61 -6.25 7.42 -16.12
C LYS A 61 -5.83 7.30 -14.66
N ARG A 62 -6.61 7.91 -13.78
CA ARG A 62 -6.31 7.88 -12.34
C ARG A 62 -6.72 6.55 -11.69
N PHE A 63 -6.46 5.47 -12.41
CA PHE A 63 -6.52 4.16 -11.81
C PHE A 63 -5.10 3.72 -11.47
N ALA A 64 -4.65 2.58 -11.99
CA ALA A 64 -3.33 2.07 -11.66
C ALA A 64 -2.24 2.94 -12.27
N VAL A 65 -1.00 2.53 -12.07
CA VAL A 65 0.15 3.14 -12.70
C VAL A 65 1.27 2.10 -12.68
N VAL A 66 0.93 0.94 -13.22
CA VAL A 66 1.74 -0.26 -13.15
C VAL A 66 3.17 -0.25 -13.72
N LYS A 67 4.01 0.65 -13.21
CA LYS A 67 5.43 0.67 -13.56
C LYS A 67 6.18 -0.69 -13.56
N VAL A 68 6.55 -1.19 -14.76
CA VAL A 68 7.36 -2.43 -14.86
C VAL A 68 8.86 -2.22 -15.04
N GLY A 69 9.50 -3.17 -15.71
CA GLY A 69 10.95 -3.17 -15.76
C GLY A 69 11.44 -4.23 -16.70
N GLY A 70 12.64 -4.01 -17.24
CA GLY A 70 13.21 -4.84 -18.29
C GLY A 70 13.47 -6.30 -17.97
N ALA A 71 13.59 -6.63 -16.69
CA ALA A 71 13.88 -8.00 -16.31
C ALA A 71 12.63 -8.85 -16.35
N VAL A 72 11.49 -8.19 -16.58
CA VAL A 72 10.20 -8.83 -16.39
C VAL A 72 9.56 -8.87 -17.73
N LEU A 73 10.02 -7.93 -18.55
CA LEU A 73 9.68 -7.79 -19.97
C LEU A 73 10.41 -8.90 -20.67
N ARG A 74 11.74 -8.79 -20.69
CA ARG A 74 12.62 -9.82 -21.23
C ARG A 74 12.17 -11.24 -20.90
N ASP A 75 11.79 -11.47 -19.65
CA ASP A 75 11.56 -12.83 -19.16
C ASP A 75 10.12 -13.34 -19.33
N ASP A 76 9.20 -12.81 -18.54
CA ASP A 76 7.81 -13.25 -18.60
C ASP A 76 6.87 -12.14 -19.10
N LEU A 77 6.44 -12.26 -20.36
CA LEU A 77 5.62 -11.25 -21.00
C LEU A 77 4.20 -11.74 -21.26
N GLU A 78 4.06 -13.01 -21.62
CA GLU A 78 2.72 -13.56 -21.76
C GLU A 78 1.87 -13.16 -20.56
N ALA A 79 2.43 -13.23 -19.36
CA ALA A 79 1.68 -13.00 -18.11
C ALA A 79 1.65 -11.54 -17.68
N LEU A 80 2.67 -10.79 -18.06
CA LEU A 80 2.70 -9.35 -17.84
C LEU A 80 1.67 -8.63 -18.68
N THR A 81 1.36 -9.21 -19.83
CA THR A 81 0.41 -8.61 -20.75
C THR A 81 -0.95 -9.26 -20.59
N SER A 82 -0.98 -10.52 -20.15
CA SER A 82 -2.25 -11.20 -19.93
C SER A 82 -2.98 -10.61 -18.73
N SER A 83 -2.24 -9.94 -17.88
CA SER A 83 -2.81 -9.33 -16.69
C SER A 83 -3.14 -7.87 -16.94
N LEU A 84 -2.39 -7.26 -17.86
CA LEU A 84 -2.61 -5.86 -18.19
C LEU A 84 -3.86 -5.75 -19.04
N SER A 85 -4.02 -6.72 -19.93
CA SER A 85 -5.29 -6.91 -20.60
C SER A 85 -6.33 -6.72 -19.54
N PHE A 86 -6.42 -7.74 -18.68
CA PHE A 86 -7.51 -7.94 -17.73
C PHE A 86 -8.14 -6.67 -17.22
N LEU A 87 -7.34 -5.82 -16.58
CA LEU A 87 -7.86 -4.55 -16.11
C LEU A 87 -8.48 -3.77 -17.28
N GLN A 88 -7.65 -3.34 -18.21
CA GLN A 88 -8.07 -2.47 -19.31
C GLN A 88 -9.26 -3.03 -20.10
N GLU A 89 -9.54 -4.32 -19.91
CA GLU A 89 -10.67 -4.92 -20.62
C GLU A 89 -11.95 -5.03 -19.78
N VAL A 90 -11.89 -4.49 -18.56
CA VAL A 90 -13.08 -4.33 -17.73
C VAL A 90 -13.37 -2.84 -17.50
N GLY A 91 -12.30 -2.04 -17.47
CA GLY A 91 -12.44 -0.60 -17.30
C GLY A 91 -11.19 0.03 -16.73
N LEU A 92 -10.61 -0.62 -15.72
CA LEU A 92 -9.43 -0.12 -15.05
C LEU A 92 -8.23 -0.13 -15.99
N THR A 93 -7.81 1.04 -16.43
CA THR A 93 -6.84 1.14 -17.53
C THR A 93 -5.40 1.41 -17.08
N PRO A 94 -4.62 0.32 -16.95
CA PRO A 94 -3.23 0.37 -16.51
C PRO A 94 -2.59 1.47 -17.27
N ILE A 95 -1.89 2.39 -16.65
CA ILE A 95 -1.18 3.31 -17.49
C ILE A 95 0.31 3.05 -17.39
N VAL A 96 0.65 1.84 -17.83
CA VAL A 96 2.01 1.27 -17.79
C VAL A 96 3.20 2.17 -17.95
N LEU A 97 4.35 1.76 -17.41
CA LEU A 97 5.58 2.56 -17.44
C LEU A 97 6.90 1.77 -17.43
N HIS A 98 7.16 1.00 -18.48
CA HIS A 98 8.38 0.20 -18.60
C HIS A 98 9.71 0.99 -18.55
N GLY A 99 10.81 0.27 -18.76
CA GLY A 99 12.14 0.83 -18.64
C GLY A 99 13.31 -0.09 -19.02
N ALA A 100 13.03 -1.09 -19.85
CA ALA A 100 13.97 -2.16 -20.24
C ALA A 100 15.48 -1.88 -20.12
N GLY A 101 16.11 -2.53 -19.14
CA GLY A 101 17.51 -2.32 -18.81
C GLY A 101 18.43 -3.53 -18.85
N PRO A 102 17.92 -4.74 -18.57
CA PRO A 102 18.81 -5.90 -18.64
C PRO A 102 19.28 -6.09 -20.07
N GLN A 103 18.34 -5.94 -20.99
CA GLN A 103 18.57 -6.21 -22.40
C GLN A 103 19.36 -5.09 -23.02
N LEU A 104 18.98 -3.86 -22.67
CA LEU A 104 19.75 -2.67 -23.03
C LEU A 104 21.23 -2.87 -22.70
N ASP A 105 21.48 -3.27 -21.45
CA ASP A 105 22.83 -3.43 -20.91
C ASP A 105 23.65 -4.42 -21.74
N ALA A 106 22.95 -5.31 -22.43
CA ALA A 106 23.61 -6.25 -23.36
C ALA A 106 23.83 -5.62 -24.74
N GLU A 107 22.73 -5.20 -25.38
CA GLU A 107 22.77 -4.60 -26.71
C GLU A 107 23.73 -3.42 -26.80
N LEU A 108 24.15 -2.93 -25.64
CA LEU A 108 24.97 -1.74 -25.57
C LEU A 108 26.45 -2.12 -25.61
N SER A 109 26.79 -3.21 -24.93
CA SER A 109 28.19 -3.63 -24.81
C SER A 109 28.66 -4.43 -26.01
N ALA A 110 27.75 -4.76 -26.92
CA ALA A 110 28.10 -5.48 -28.13
C ALA A 110 29.12 -4.69 -28.93
N ALA A 111 28.82 -3.40 -29.10
CA ALA A 111 29.75 -2.48 -29.72
C ALA A 111 30.68 -1.93 -28.66
N GLY A 112 30.16 -1.83 -27.43
CA GLY A 112 30.99 -1.46 -26.30
C GLY A 112 30.65 -0.12 -25.68
N ILE A 113 31.45 0.27 -24.68
CA ILE A 113 31.29 1.50 -23.92
C ILE A 113 30.32 1.31 -22.74
N GLU A 114 30.24 0.09 -22.24
CA GLU A 114 29.39 -0.24 -21.09
C GLU A 114 30.23 -0.39 -19.81
N LYS A 115 30.79 0.72 -19.35
CA LYS A 115 31.59 0.75 -18.13
C LYS A 115 31.81 2.17 -17.60
N GLN A 116 31.64 2.32 -16.29
CA GLN A 116 31.61 3.61 -15.61
C GLN A 116 30.18 3.87 -15.15
N THR A 117 30.03 4.15 -13.86
CA THR A 117 28.72 4.46 -13.30
C THR A 117 28.94 5.48 -12.21
N VAL A 118 29.75 6.49 -12.53
CA VAL A 118 30.28 7.43 -11.54
C VAL A 118 29.59 7.50 -10.14
N ASN A 119 28.39 8.06 -10.10
CA ASN A 119 27.63 8.21 -8.86
C ASN A 119 26.67 7.04 -8.67
N GLY A 120 25.78 7.14 -7.68
CA GLY A 120 24.80 6.09 -7.43
C GLY A 120 24.05 5.67 -8.68
N LEU A 121 24.22 6.44 -9.75
CA LEU A 121 23.55 6.16 -11.02
C LEU A 121 24.54 5.77 -12.11
N ARG A 122 24.38 6.32 -13.32
CA ARG A 122 25.13 5.80 -14.47
C ARG A 122 25.94 6.88 -15.20
N VAL A 123 26.06 6.71 -16.52
CA VAL A 123 26.65 7.67 -17.47
C VAL A 123 26.36 7.25 -18.91
N THR A 124 26.17 8.22 -19.79
CA THR A 124 25.91 7.91 -21.20
C THR A 124 26.48 8.96 -22.17
N SER A 125 26.92 8.49 -23.34
CA SER A 125 27.50 9.34 -24.38
C SER A 125 26.59 9.38 -25.62
N PRO A 126 26.88 10.30 -26.56
CA PRO A 126 26.19 10.48 -27.84
C PRO A 126 25.96 9.21 -28.65
N HIS A 127 27.02 8.57 -29.13
CA HIS A 127 26.82 7.37 -29.92
C HIS A 127 26.18 6.30 -29.05
N ALA A 128 25.52 6.73 -27.97
CA ALA A 128 25.10 5.86 -26.86
C ALA A 128 23.62 5.95 -26.45
N LEU A 129 23.11 7.14 -26.13
CA LEU A 129 21.66 7.31 -26.06
C LEU A 129 21.17 6.60 -27.28
N ALA A 130 21.75 7.02 -28.41
CA ALA A 130 21.60 6.40 -29.72
C ALA A 130 21.24 4.92 -29.62
N ILE A 131 21.95 4.21 -28.75
CA ILE A 131 21.69 2.79 -28.60
C ILE A 131 20.53 2.50 -27.65
N VAL A 132 20.35 3.34 -26.65
CA VAL A 132 19.24 3.11 -25.72
C VAL A 132 17.93 3.36 -26.46
N ARG A 133 17.82 4.56 -27.00
CA ARG A 133 16.61 5.05 -27.64
C ARG A 133 16.06 4.02 -28.61
N LYS A 134 16.96 3.21 -29.16
CA LYS A 134 16.56 2.18 -30.10
C LYS A 134 16.06 0.97 -29.33
N VAL A 135 16.73 0.67 -28.21
CA VAL A 135 16.33 -0.46 -27.35
C VAL A 135 15.10 -0.09 -26.54
N PHE A 136 15.07 1.10 -25.98
CA PHE A 136 13.82 1.60 -25.43
C PHE A 136 12.68 1.47 -26.45
N GLN A 137 12.87 2.10 -27.62
CA GLN A 137 11.96 1.96 -28.75
C GLN A 137 11.59 0.50 -28.96
N ALA A 138 12.56 -0.30 -29.36
CA ALA A 138 12.30 -1.68 -29.75
C ALA A 138 11.33 -2.45 -28.83
N SER A 139 11.62 -2.40 -27.52
CA SER A 139 10.95 -3.28 -26.56
C SER A 139 9.65 -2.63 -26.09
N ASN A 140 9.67 -1.31 -25.96
CA ASN A 140 8.43 -0.52 -25.95
C ASN A 140 7.45 -0.99 -27.02
N LEU A 141 7.89 -1.05 -28.26
CA LEU A 141 6.97 -1.46 -29.30
C LEU A 141 6.64 -2.94 -29.04
N LYS A 142 7.66 -3.75 -28.78
CA LYS A 142 7.44 -5.16 -28.47
C LYS A 142 6.29 -5.38 -27.49
N LEU A 143 6.23 -4.56 -26.44
CA LEU A 143 5.08 -4.60 -25.55
C LEU A 143 3.80 -4.19 -26.29
N VAL A 144 3.74 -2.92 -26.73
CA VAL A 144 2.49 -2.34 -27.22
C VAL A 144 1.83 -3.25 -28.23
N GLU A 145 2.63 -4.11 -28.85
CA GLU A 145 2.08 -5.05 -29.83
C GLU A 145 1.51 -6.31 -29.19
N ALA A 146 2.22 -6.84 -28.19
CA ALA A 146 1.84 -8.09 -27.57
C ALA A 146 0.53 -7.95 -26.78
N LEU A 147 0.27 -6.72 -26.34
CA LEU A 147 -1.04 -6.37 -25.85
C LEU A 147 -2.09 -6.44 -26.97
N GLN A 148 -1.86 -5.70 -28.07
CA GLN A 148 -2.79 -5.68 -29.22
C GLN A 148 -3.01 -7.05 -29.82
N GLN A 149 -1.97 -7.88 -29.76
CA GLN A 149 -2.04 -9.26 -30.23
C GLN A 149 -2.91 -10.12 -29.31
N ASN A 150 -2.68 -10.00 -28.00
CA ASN A 150 -3.38 -10.77 -26.98
C ASN A 150 -4.84 -10.34 -26.79
N GLY A 151 -5.21 -9.21 -27.39
CA GLY A 151 -6.59 -8.76 -27.45
C GLY A 151 -6.77 -7.37 -26.88
N ALA A 152 -5.65 -6.76 -26.52
CA ALA A 152 -5.68 -5.56 -25.68
C ALA A 152 -6.04 -4.31 -26.43
N ARG A 153 -5.11 -3.36 -26.44
CA ARG A 153 -5.32 -2.03 -26.98
C ARG A 153 -4.24 -1.11 -26.45
N ALA A 154 -2.99 -1.53 -26.50
CA ALA A 154 -1.91 -0.65 -26.06
C ALA A 154 -1.63 0.43 -27.11
N THR A 155 -0.93 1.49 -26.73
CA THR A 155 -0.67 2.58 -27.65
C THR A 155 0.60 3.37 -27.38
N SER A 156 1.75 2.74 -27.60
CA SER A 156 3.07 3.41 -27.58
C SER A 156 3.15 4.95 -27.38
N ILE A 157 3.94 5.34 -26.38
CA ILE A 157 4.02 6.77 -25.99
C ILE A 157 5.39 7.28 -25.53
N THR A 158 6.40 6.43 -25.75
CA THR A 158 7.74 6.79 -26.26
C THR A 158 8.47 8.14 -26.12
N GLY A 159 7.77 9.27 -26.08
CA GLY A 159 8.51 10.53 -25.91
C GLY A 159 7.65 11.73 -25.60
N GLY A 160 8.28 12.84 -25.25
CA GLY A 160 7.54 14.08 -25.09
C GLY A 160 6.85 14.25 -23.76
N VAL A 161 6.82 13.20 -22.95
CA VAL A 161 6.19 13.27 -21.62
C VAL A 161 7.09 13.85 -20.53
N PHE A 162 8.35 13.44 -20.47
CA PHE A 162 9.21 13.88 -19.34
C PHE A 162 10.24 14.99 -19.60
N GLU A 163 10.01 16.14 -18.98
CA GLU A 163 10.84 17.34 -19.12
C GLU A 163 12.32 17.29 -18.67
N ALA A 164 12.92 16.11 -18.78
CA ALA A 164 14.29 15.83 -18.32
C ALA A 164 15.46 16.85 -18.40
N GLU A 165 15.31 18.06 -17.88
CA GLU A 165 16.49 18.91 -17.55
C GLU A 165 17.76 18.09 -17.23
N TYR A 166 18.94 18.62 -17.49
CA TYR A 166 20.13 17.78 -17.50
C TYR A 166 20.95 18.08 -16.26
N LEU A 167 21.40 17.04 -15.55
CA LEU A 167 22.03 17.25 -14.24
C LEU A 167 23.51 17.64 -14.32
N ASN A 168 24.28 16.90 -15.11
CA ASN A 168 25.67 17.27 -15.36
C ASN A 168 26.12 16.85 -16.76
N ARG A 169 26.92 17.72 -17.38
CA ARG A 169 27.17 17.68 -18.81
C ARG A 169 28.26 16.70 -19.27
N ASP A 170 29.43 16.77 -18.63
CA ASP A 170 30.55 15.88 -18.98
C ASP A 170 30.81 14.84 -17.90
N THR A 171 30.52 15.20 -16.65
CA THR A 171 30.76 14.30 -15.54
C THR A 171 29.77 13.14 -15.55
N TYR A 172 28.92 13.08 -16.57
CA TYR A 172 27.93 12.02 -16.70
C TYR A 172 27.43 11.96 -18.13
N GLY A 173 27.48 13.12 -18.78
CA GLY A 173 27.10 13.23 -20.17
C GLY A 173 25.63 13.50 -20.33
N LEU A 174 24.95 12.53 -20.92
CA LEU A 174 23.59 12.70 -21.39
C LEU A 174 22.53 12.03 -20.54
N VAL A 175 22.53 12.37 -19.23
CA VAL A 175 21.50 11.92 -18.27
C VAL A 175 20.84 13.14 -17.58
N GLY A 176 19.59 13.00 -17.12
CA GLY A 176 18.89 14.12 -16.51
C GLY A 176 17.72 13.88 -15.54
N GLU A 177 17.53 14.84 -14.62
CA GLU A 177 16.49 14.74 -13.59
C GLU A 177 15.11 15.29 -13.98
N VAL A 178 14.13 14.39 -14.08
CA VAL A 178 12.81 14.73 -14.62
C VAL A 178 12.04 15.95 -14.08
N LYS A 179 12.56 17.15 -14.40
CA LYS A 179 12.03 18.42 -13.89
C LYS A 179 10.49 18.59 -13.91
N ALA A 180 9.79 18.01 -14.89
CA ALA A 180 8.32 18.10 -14.87
C ALA A 180 7.66 16.96 -15.63
N VAL A 181 6.34 17.04 -15.82
CA VAL A 181 5.68 16.06 -16.71
C VAL A 181 4.48 16.59 -17.45
N ASN A 182 4.41 16.19 -18.73
CA ASN A 182 3.30 16.52 -19.62
C ASN A 182 2.39 15.32 -19.90
N LEU A 183 1.15 15.50 -19.47
CA LEU A 183 0.18 14.41 -19.33
C LEU A 183 -0.67 14.27 -20.57
N ALA A 184 -0.74 15.35 -21.35
CA ALA A 184 -1.44 15.38 -22.64
C ALA A 184 -1.22 14.09 -23.42
N PRO A 185 0.04 13.80 -23.76
CA PRO A 185 0.37 12.58 -24.52
C PRO A 185 -0.29 11.36 -23.97
N ILE A 186 -0.68 11.39 -22.68
CA ILE A 186 -1.17 10.19 -21.99
C ILE A 186 -2.65 10.29 -21.77
N GLU A 187 -3.13 11.49 -21.45
CA GLU A 187 -4.57 11.69 -21.31
C GLU A 187 -5.31 11.46 -22.64
N ALA A 188 -4.58 11.51 -23.75
CA ALA A 188 -5.14 11.17 -25.05
C ALA A 188 -5.52 9.71 -25.10
N SER A 189 -4.54 8.85 -24.84
CA SER A 189 -4.75 7.40 -24.93
C SER A 189 -5.74 6.86 -23.87
N LEU A 190 -5.89 7.58 -22.77
CA LEU A 190 -6.84 7.21 -21.72
C LEU A 190 -8.16 7.94 -21.88
N GLN A 191 -8.30 8.63 -23.00
CA GLN A 191 -9.58 9.23 -23.36
C GLN A 191 -10.14 8.35 -24.45
N ALA A 192 -9.23 7.80 -25.24
CA ALA A 192 -9.53 6.73 -26.17
C ALA A 192 -9.90 5.50 -25.35
N GLY A 193 -9.01 5.10 -24.45
CA GLY A 193 -9.19 3.90 -23.67
C GLY A 193 -8.19 2.82 -23.97
N SER A 194 -6.91 3.16 -23.94
CA SER A 194 -5.91 2.16 -24.19
C SER A 194 -4.72 2.30 -23.24
N ILE A 195 -3.89 1.26 -23.14
CA ILE A 195 -2.84 1.27 -22.12
C ILE A 195 -1.59 2.06 -22.50
N PRO A 196 -1.56 3.34 -22.11
CA PRO A 196 -0.52 4.29 -22.45
C PRO A 196 0.91 3.80 -22.32
N VAL A 197 1.38 2.75 -23.00
CA VAL A 197 2.68 2.23 -22.62
C VAL A 197 3.93 3.13 -22.72
N ILE A 198 4.21 3.88 -21.63
CA ILE A 198 5.17 4.99 -21.60
C ILE A 198 6.65 4.61 -21.43
N THR A 199 7.52 5.61 -21.21
CA THR A 199 8.97 5.35 -21.18
C THR A 199 9.90 6.18 -20.26
N SER A 200 10.96 5.50 -19.82
CA SER A 200 12.03 6.12 -19.06
C SER A 200 12.91 6.86 -20.04
N LEU A 201 12.43 8.01 -20.52
CA LEU A 201 13.28 8.86 -21.37
C LEU A 201 12.97 10.32 -21.13
N GLY A 202 13.99 11.13 -21.33
CA GLY A 202 13.85 12.54 -21.07
C GLY A 202 13.61 13.33 -22.34
N GLU A 203 14.28 14.47 -22.42
CA GLU A 203 13.97 15.46 -23.43
C GLU A 203 14.05 16.81 -22.79
N THR A 204 15.24 17.41 -22.82
CA THR A 204 15.51 18.74 -22.28
C THR A 204 14.37 19.74 -22.49
N PRO A 205 14.68 21.06 -22.50
CA PRO A 205 13.68 21.96 -23.10
C PRO A 205 13.74 21.98 -24.65
N SER A 206 14.86 22.43 -25.21
CA SER A 206 15.07 22.50 -26.66
C SER A 206 15.27 21.11 -27.26
N GLY A 207 14.66 20.12 -26.61
CA GLY A 207 14.32 18.88 -27.28
C GLY A 207 15.34 17.77 -27.40
N GLN A 208 16.45 17.88 -26.67
CA GLN A 208 17.47 16.84 -26.66
C GLN A 208 17.11 15.72 -25.68
N ILE A 209 17.12 14.49 -26.18
CA ILE A 209 16.65 13.34 -25.41
C ILE A 209 17.75 12.60 -24.64
N LEU A 210 18.09 13.11 -23.45
CA LEU A 210 18.99 12.42 -22.48
C LEU A 210 18.28 11.47 -21.49
N ASN A 211 19.07 10.56 -20.93
CA ASN A 211 18.58 9.51 -20.02
C ASN A 211 18.08 9.99 -18.65
N VAL A 212 17.09 9.29 -18.09
CA VAL A 212 16.54 9.61 -16.79
C VAL A 212 16.43 8.36 -15.91
N ASN A 213 16.44 8.53 -14.60
CA ASN A 213 16.18 7.39 -13.72
C ASN A 213 14.71 6.99 -13.80
N ALA A 214 14.47 5.72 -14.11
CA ALA A 214 13.12 5.19 -14.22
C ALA A 214 12.29 5.43 -12.96
N ASP A 215 12.96 5.45 -11.81
CA ASP A 215 12.34 5.45 -10.47
C ASP A 215 12.02 6.85 -9.99
N PHE A 216 13.02 7.73 -10.09
CA PHE A 216 12.82 9.16 -9.89
C PHE A 216 11.81 9.66 -10.94
N ALA A 217 11.53 8.81 -11.92
CA ALA A 217 10.57 9.07 -12.97
C ALA A 217 9.15 8.90 -12.46
N ALA A 218 8.83 7.66 -12.09
CA ALA A 218 7.48 7.31 -11.63
C ALA A 218 7.00 8.16 -10.47
N ASN A 219 7.92 8.52 -9.59
CA ASN A 219 7.58 9.38 -8.45
C ASN A 219 6.82 10.56 -9.00
N GLU A 220 7.23 10.95 -10.20
CA GLU A 220 6.84 12.24 -10.77
C GLU A 220 5.64 12.20 -11.69
N LEU A 221 5.58 11.18 -12.55
CA LEU A 221 4.34 10.83 -13.22
C LEU A 221 3.19 10.77 -12.21
N VAL A 222 3.34 9.93 -11.16
CA VAL A 222 2.28 9.68 -10.16
C VAL A 222 1.87 10.95 -9.45
N GLN A 223 2.86 11.68 -8.96
CA GLN A 223 2.60 12.99 -8.39
C GLN A 223 1.60 13.70 -9.30
N GLU A 224 1.85 13.70 -10.65
CA GLU A 224 1.07 14.49 -11.65
C GLU A 224 -0.32 13.90 -11.86
N LEU A 225 -0.35 12.58 -11.94
CA LEU A 225 -1.56 11.85 -12.25
C LEU A 225 -2.51 11.67 -11.09
N GLN A 226 -1.94 11.43 -9.87
CA GLN A 226 -2.67 11.21 -8.60
C GLN A 226 -3.35 9.85 -8.46
N PRO A 227 -2.62 8.75 -8.69
CA PRO A 227 -3.28 7.45 -8.81
C PRO A 227 -4.13 7.09 -7.60
N TYR A 228 -4.66 5.87 -7.62
CA TYR A 228 -5.24 5.22 -6.46
C TYR A 228 -4.32 4.05 -6.21
N LYS A 229 -4.63 2.85 -6.72
CA LYS A 229 -3.61 1.81 -6.69
C LYS A 229 -2.33 2.29 -7.37
N ILE A 230 -1.28 1.47 -7.35
CA ILE A 230 -0.04 1.78 -8.07
C ILE A 230 1.05 0.71 -7.89
N ILE A 231 1.01 -0.32 -8.72
CA ILE A 231 1.86 -1.49 -8.56
C ILE A 231 3.31 -1.39 -9.12
N PHE A 232 4.31 -1.90 -8.39
CA PHE A 232 5.67 -2.03 -8.95
C PHE A 232 6.09 -3.43 -9.35
N LEU A 233 5.71 -3.89 -10.54
CA LEU A 233 6.14 -5.22 -10.98
C LEU A 233 7.65 -5.40 -10.93
N THR A 234 8.09 -6.57 -10.49
CA THR A 234 9.49 -6.95 -10.53
C THR A 234 9.54 -8.46 -10.65
N GLY A 235 10.62 -8.98 -11.21
CA GLY A 235 10.68 -10.38 -11.56
C GLY A 235 10.88 -11.31 -10.38
N THR A 236 10.83 -10.75 -9.18
CA THR A 236 11.21 -11.43 -7.94
C THR A 236 10.05 -12.10 -7.20
N GLY A 237 9.19 -11.28 -6.58
CA GLY A 237 8.09 -11.79 -5.77
C GLY A 237 7.70 -10.83 -4.65
N GLY A 238 8.42 -9.73 -4.56
CA GLY A 238 8.12 -8.75 -3.53
C GLY A 238 9.25 -8.57 -2.53
N LEU A 239 8.92 -7.94 -1.40
CA LEU A 239 9.89 -7.66 -0.35
C LEU A 239 10.07 -8.83 0.60
N LEU A 240 11.25 -8.93 1.18
CA LEU A 240 11.55 -10.03 2.08
C LEU A 240 11.81 -9.60 3.52
N ASP A 241 12.05 -10.58 4.38
CA ASP A 241 12.37 -10.32 5.78
C ASP A 241 13.59 -11.11 6.24
N ALA A 242 13.99 -10.88 7.49
CA ALA A 242 15.13 -11.58 8.06
C ALA A 242 15.08 -13.05 7.67
N GLU A 243 13.94 -13.69 7.95
CA GLU A 243 13.71 -15.06 7.53
C GLU A 243 13.92 -15.16 6.03
N GLY A 244 13.14 -14.38 5.30
CA GLY A 244 13.08 -14.48 3.85
C GLY A 244 11.67 -14.88 3.44
N LYS A 245 10.68 -14.38 4.18
CA LYS A 245 9.28 -14.62 3.83
C LYS A 245 8.59 -13.35 3.35
N LEU A 246 7.78 -13.50 2.30
CA LEU A 246 7.06 -12.39 1.68
C LEU A 246 6.34 -11.55 2.73
N ILE A 247 6.87 -10.37 3.00
CA ILE A 247 6.31 -9.54 4.04
C ILE A 247 5.10 -8.75 3.52
N ASP A 248 3.95 -9.43 3.49
CA ASP A 248 2.71 -8.88 2.92
C ASP A 248 2.23 -7.55 3.53
N SER A 249 3.16 -6.67 3.93
CA SER A 249 2.77 -5.32 4.31
C SER A 249 3.90 -4.46 4.85
N ILE A 250 3.64 -3.15 4.88
CA ILE A 250 4.48 -2.18 5.52
C ILE A 250 3.48 -1.10 5.78
N ASN A 251 3.80 -0.17 6.69
CA ASN A 251 2.86 0.89 7.08
C ASN A 251 3.59 2.11 7.66
N LEU A 252 4.70 2.43 7.01
CA LEU A 252 5.62 3.50 7.41
C LEU A 252 5.41 4.36 8.68
N SER A 253 4.37 5.18 8.73
CA SER A 253 4.23 6.07 9.88
C SER A 253 4.39 5.36 11.22
N THR A 254 4.20 4.04 11.20
CA THR A 254 4.37 3.19 12.38
C THR A 254 5.54 2.23 12.19
N GLU A 255 5.33 1.19 11.40
CA GLU A 255 6.35 0.18 11.13
C GLU A 255 7.66 0.73 10.53
N TYR A 256 7.74 2.04 10.33
CA TYR A 256 8.91 2.59 9.64
C TYR A 256 10.24 2.35 10.33
N ASP A 257 10.25 2.60 11.64
CA ASP A 257 11.47 2.60 12.46
C ASP A 257 11.95 1.20 12.72
N HIS A 258 11.03 0.36 13.16
CA HIS A 258 11.42 -0.97 13.63
C HIS A 258 11.72 -1.83 12.45
N LEU A 259 12.24 -1.12 11.45
CA LEU A 259 12.51 -1.54 10.09
C LEU A 259 13.73 -0.76 9.65
N GLN A 261 15.87 0.69 10.72
CA GLN A 261 16.94 0.81 11.68
C GLN A 261 17.39 -0.60 11.99
N GLN A 262 16.51 -1.55 11.65
CA GLN A 262 16.81 -2.96 11.82
C GLN A 262 17.41 -3.59 10.56
N PRO A 263 18.64 -4.09 10.66
CA PRO A 263 19.74 -4.50 9.78
C PRO A 263 19.45 -5.56 8.72
N TRP A 264 18.35 -6.32 8.77
CA TRP A 264 18.09 -7.17 7.59
C TRP A 264 17.56 -6.35 6.39
N ILE A 265 17.88 -5.06 6.43
CA ILE A 265 17.49 -4.11 5.43
C ILE A 265 18.73 -3.76 4.64
N ASN A 266 19.47 -4.80 4.23
CA ASN A 266 20.73 -4.65 3.48
C ASN A 266 21.04 -3.27 2.86
N GLY A 267 21.03 -3.20 1.53
CA GLY A 267 21.38 -1.97 0.85
C GLY A 267 20.20 -1.32 0.13
N GLY A 268 20.16 -1.47 -1.19
CA GLY A 268 19.15 -0.86 -2.03
C GLY A 268 17.70 -1.15 -1.69
N ARG A 270 16.67 -0.63 1.22
CA ARG A 270 16.46 0.62 1.93
C ARG A 270 15.91 1.63 0.93
N VAL A 271 16.66 1.82 -0.15
CA VAL A 271 16.30 2.83 -1.13
C VAL A 271 14.99 2.46 -1.81
N LYS A 272 14.78 1.18 -2.07
CA LYS A 272 13.50 0.77 -2.60
C LYS A 272 12.41 1.24 -1.63
N ILE A 273 12.70 1.17 -0.34
CA ILE A 273 11.72 1.56 0.68
C ILE A 273 11.59 3.08 0.71
N GLU A 274 12.70 3.78 0.94
CA GLU A 274 12.65 5.22 1.11
C GLU A 274 11.80 5.86 0.01
N GLN A 275 12.05 5.39 -1.20
CA GLN A 275 11.46 5.92 -2.43
C GLN A 275 9.94 5.79 -2.45
N ILE A 276 9.47 4.56 -2.28
CA ILE A 276 8.05 4.34 -2.13
C ILE A 276 7.51 5.21 -0.99
N LYS A 277 8.39 5.59 -0.07
CA LYS A 277 7.96 6.42 1.05
C LYS A 277 7.85 7.85 0.56
N ASP A 278 8.90 8.30 -0.09
CA ASP A 278 8.89 9.56 -0.85
C ASP A 278 7.56 9.81 -1.52
N LEU A 279 7.21 8.94 -2.46
CA LEU A 279 5.87 8.92 -3.04
C LEU A 279 4.79 9.20 -1.99
N LEU A 280 4.11 8.15 -1.52
CA LEU A 280 2.79 8.26 -0.90
C LEU A 280 2.53 9.48 -0.02
N ASP A 281 3.58 10.05 0.57
CA ASP A 281 3.43 11.31 1.28
C ASP A 281 2.82 12.32 0.32
N ARG A 282 2.89 11.97 -0.95
CA ARG A 282 2.58 12.86 -2.07
C ARG A 282 1.21 12.55 -2.66
N LEU A 283 0.54 11.53 -2.13
CA LEU A 283 -0.77 11.12 -2.66
C LEU A 283 -1.88 11.44 -1.65
N PRO A 284 -3.07 10.88 -1.87
CA PRO A 284 -3.97 11.01 -0.73
C PRO A 284 -3.43 10.11 0.38
N LEU A 285 -4.32 9.54 1.20
CA LEU A 285 -3.94 8.56 2.20
C LEU A 285 -4.21 7.17 1.65
N GLU A 286 -5.36 7.05 0.98
CA GLU A 286 -5.90 5.77 0.52
C GLU A 286 -5.10 5.09 -0.59
N SER A 287 -4.04 5.75 -1.08
CA SER A 287 -3.24 5.21 -2.17
C SER A 287 -2.68 3.82 -1.85
N SER A 288 -1.36 3.64 -2.03
CA SER A 288 -0.68 2.40 -1.68
C SER A 288 0.12 1.72 -2.77
N VAL A 289 1.44 1.82 -2.74
CA VAL A 289 2.25 0.93 -3.57
C VAL A 289 1.87 -0.55 -3.48
N SER A 290 2.70 -1.45 -4.01
CA SER A 290 2.35 -2.88 -4.00
C SER A 290 3.24 -3.88 -4.76
N ILE A 291 4.55 -3.75 -4.65
CA ILE A 291 5.51 -4.57 -5.41
C ILE A 291 5.23 -6.07 -5.55
N THR A 292 4.58 -6.47 -6.64
CA THR A 292 4.18 -7.86 -6.79
C THR A 292 4.78 -8.51 -8.00
N ARG A 293 4.35 -9.73 -8.29
CA ARG A 293 4.70 -10.38 -9.55
C ARG A 293 3.49 -10.37 -10.49
N PRO A 294 3.75 -10.56 -11.80
CA PRO A 294 2.73 -10.31 -12.82
C PRO A 294 1.65 -11.36 -12.83
N ALA A 295 2.04 -12.62 -12.77
CA ALA A 295 1.06 -13.70 -12.75
C ALA A 295 0.06 -13.43 -11.65
N ASP A 296 0.54 -12.78 -10.59
CA ASP A 296 -0.23 -12.51 -9.37
C ASP A 296 -1.03 -11.22 -9.46
N LEU A 297 -0.57 -10.29 -10.30
CA LEU A 297 -1.11 -8.93 -10.37
C LEU A 297 -2.60 -8.84 -10.00
N ALA A 298 -3.42 -9.69 -10.59
CA ALA A 298 -4.84 -9.72 -10.26
C ALA A 298 -5.03 -9.99 -8.77
N LYS A 299 -4.59 -11.16 -8.31
CA LYS A 299 -4.64 -11.52 -6.90
C LYS A 299 -4.32 -10.33 -6.01
N GLU A 300 -3.29 -9.58 -6.41
CA GLU A 300 -2.83 -8.48 -5.58
C GLU A 300 -3.80 -7.31 -5.53
N LEU A 301 -4.39 -6.98 -6.68
CA LEU A 301 -5.19 -5.77 -6.81
C LEU A 301 -6.67 -5.99 -6.57
N PHE A 302 -7.01 -7.15 -6.03
CA PHE A 302 -8.39 -7.45 -5.69
C PHE A 302 -8.49 -8.31 -4.45
N THR A 303 -7.35 -8.56 -3.81
CA THR A 303 -7.34 -9.32 -2.56
C THR A 303 -6.55 -8.67 -1.44
N HIS A 304 -7.08 -8.83 -0.23
CA HIS A 304 -6.39 -8.47 0.99
C HIS A 304 -5.29 -9.51 1.19
N LYS A 305 -4.48 -9.70 0.15
CA LYS A 305 -3.56 -10.81 0.08
C LYS A 305 -2.62 -10.65 -1.11
N GLY A 306 -2.99 -11.24 -2.24
CA GLY A 306 -2.15 -11.25 -3.42
C GLY A 306 -0.89 -12.06 -3.18
N SER A 307 0.26 -11.44 -3.44
CA SER A 307 1.57 -11.96 -3.07
C SER A 307 2.62 -10.89 -3.22
N GLY A 308 2.24 -9.66 -2.94
CA GLY A 308 3.20 -8.59 -3.01
C GLY A 308 3.10 -7.70 -1.80
N THR A 309 4.19 -7.56 -1.06
CA THR A 309 4.28 -6.52 -0.05
C THR A 309 3.37 -5.35 -0.36
N LEU A 310 2.17 -5.27 0.20
CA LEU A 310 1.43 -4.01 0.19
C LEU A 310 2.39 -2.95 0.73
N VAL A 311 1.97 -1.70 0.88
CA VAL A 311 2.76 -0.71 1.63
C VAL A 311 2.15 0.69 1.68
N ARG A 312 1.39 1.03 2.72
CA ARG A 312 0.81 2.38 2.77
C ARG A 312 1.72 3.45 3.36
N ARG A 313 1.11 4.51 3.87
CA ARG A 313 1.80 5.58 4.58
C ARG A 313 1.17 5.64 5.98
N GLY A 314 -0.02 5.06 6.09
CA GLY A 314 -0.78 5.07 7.32
C GLY A 314 -0.88 6.49 7.84
N GLU A 315 -1.01 6.62 9.15
CA GLU A 315 -0.94 7.94 9.77
C GLU A 315 -0.01 7.92 10.97
N ARG A 316 0.35 9.10 11.43
CA ARG A 316 1.03 9.23 12.72
C ARG A 316 0.11 8.81 13.89
N VAL A 317 0.60 7.87 14.69
CA VAL A 317 -0.11 7.34 15.85
C VAL A 317 0.59 7.72 17.15
N LEU A 318 -0.18 8.29 18.08
CA LEU A 318 0.36 8.66 19.38
C LEU A 318 -0.23 7.81 20.50
N ARG A 319 0.63 7.42 21.44
CA ARG A 319 0.21 6.66 22.62
C ARG A 319 -0.10 7.65 23.74
N ALA A 320 -1.23 7.47 24.40
CA ALA A 320 -1.59 8.35 25.51
C ALA A 320 -1.81 7.57 26.82
N THR A 321 -1.03 7.88 27.84
CA THR A 321 -1.16 7.25 29.15
C THR A 321 -2.23 7.94 29.98
N SER A 322 -2.53 9.17 29.61
CA SER A 322 -3.45 10.01 30.35
C SER A 322 -4.68 10.42 29.53
N TRP A 323 -5.85 10.05 30.02
CA TRP A 323 -7.13 10.35 29.37
C TRP A 323 -7.45 11.86 29.27
N ASP A 324 -6.45 12.71 29.45
CA ASP A 324 -6.65 14.14 29.50
C ASP A 324 -5.94 14.84 28.35
N GLU A 325 -4.91 14.20 27.82
CA GLU A 325 -4.22 14.71 26.65
C GLU A 325 -4.86 14.20 25.35
N LEU A 326 -6.19 14.21 25.31
CA LEU A 326 -6.96 13.80 24.13
C LEU A 326 -8.05 14.80 23.80
N ASP A 327 -8.44 14.86 22.54
CA ASP A 327 -9.65 15.56 22.16
C ASP A 327 -10.82 14.59 22.29
N LEU A 328 -11.31 14.45 23.51
CA LEU A 328 -12.45 13.57 23.81
C LEU A 328 -13.63 13.82 22.88
N PRO A 329 -14.01 15.10 22.72
CA PRO A 329 -15.10 15.46 21.80
C PRO A 329 -14.95 14.76 20.46
N ARG A 330 -13.75 14.79 19.89
CA ARG A 330 -13.49 14.08 18.66
C ARG A 330 -13.92 12.63 18.85
N LEU A 331 -13.45 12.04 19.94
CA LEU A 331 -13.78 10.65 20.23
C LEU A 331 -15.29 10.43 20.27
N THR A 332 -16.05 11.46 20.61
CA THR A 332 -17.50 11.32 20.63
C THR A 332 -18.06 11.15 19.22
N SER A 333 -17.70 12.04 18.31
CA SER A 333 -18.08 11.87 16.92
C SER A 333 -17.27 10.70 16.34
N LEU A 334 -16.32 10.20 17.12
CA LEU A 334 -15.51 9.07 16.69
C LEU A 334 -16.12 7.76 17.14
N ILE A 335 -16.84 7.80 18.26
CA ILE A 335 -17.55 6.64 18.77
C ILE A 335 -19.03 6.75 18.45
N GLU A 336 -19.44 7.92 17.97
CA GLU A 336 -20.81 8.10 17.51
C GLU A 336 -20.89 7.67 16.06
N SER A 337 -19.78 7.79 15.37
CA SER A 337 -19.72 7.42 13.96
C SER A 337 -19.26 5.98 13.80
N SER A 338 -18.42 5.50 14.71
CA SER A 338 -17.91 4.13 14.62
C SER A 338 -18.86 3.14 15.25
N PHE A 339 -19.59 3.58 16.28
CA PHE A 339 -20.63 2.78 16.92
C PHE A 339 -22.00 3.38 16.62
N GLY A 340 -23.04 2.55 16.70
CA GLY A 340 -24.40 3.00 16.45
C GLY A 340 -24.71 4.30 17.16
N ARG A 341 -25.02 4.19 18.45
CA ARG A 341 -25.39 5.34 19.26
C ARG A 341 -24.20 6.25 19.53
N THR A 342 -24.29 7.01 20.61
CA THR A 342 -23.14 7.72 21.15
C THR A 342 -22.84 7.10 22.50
N LEU A 343 -21.73 7.47 23.09
CA LEU A 343 -21.34 6.90 24.37
C LEU A 343 -22.28 7.32 25.48
N VAL A 344 -22.77 6.33 26.21
CA VAL A 344 -23.58 6.57 27.40
C VAL A 344 -23.03 7.78 28.15
N PRO A 345 -23.80 8.87 28.17
CA PRO A 345 -23.39 10.19 28.64
C PRO A 345 -22.50 10.15 29.88
N ASP A 346 -21.47 11.00 29.90
CA ASP A 346 -20.62 11.14 31.08
C ASP A 346 -19.73 9.92 31.30
N TYR A 347 -19.65 9.06 30.30
CA TYR A 347 -18.76 7.90 30.33
C TYR A 347 -17.32 8.36 30.39
N PHE A 348 -17.06 9.53 29.82
CA PHE A 348 -15.71 10.04 29.65
C PHE A 348 -15.10 10.57 30.94
N SER A 349 -15.94 11.02 31.86
CA SER A 349 -15.45 11.49 33.16
C SER A 349 -15.34 10.31 34.12
N ASN A 350 -15.84 9.16 33.68
CA ASN A 350 -15.79 7.94 34.47
C ASN A 350 -14.60 7.07 34.07
N THR A 351 -14.26 7.09 32.79
CA THR A 351 -13.15 6.30 32.26
C THR A 351 -11.88 6.44 33.09
N LYS A 352 -11.40 5.32 33.62
CA LYS A 352 -10.07 5.31 34.20
C LYS A 352 -9.17 4.67 33.16
N LEU A 353 -8.19 5.44 32.71
CA LEU A 353 -7.46 5.10 31.49
C LEU A 353 -6.00 4.66 31.69
N LEU A 354 -5.68 3.47 31.20
CA LEU A 354 -4.39 2.83 31.40
C LEU A 354 -3.39 3.18 30.31
N ARG A 355 -3.86 3.08 29.06
CA ARG A 355 -3.04 3.11 27.86
C ARG A 355 -3.98 3.47 26.70
N ALA A 356 -3.67 4.54 25.99
CA ALA A 356 -4.53 4.97 24.88
C ALA A 356 -3.80 5.02 23.53
N TYR A 357 -4.51 4.65 22.47
CA TYR A 357 -3.95 4.63 21.11
C TYR A 357 -4.82 5.40 20.11
N VAL A 358 -4.26 6.43 19.49
CA VAL A 358 -5.03 7.26 18.57
C VAL A 358 -4.25 7.76 17.34
N SER A 359 -4.93 7.76 16.19
CA SER A 359 -4.39 8.18 14.88
C SER A 359 -4.48 9.69 14.71
N GLU A 360 -3.37 10.35 14.42
CA GLU A 360 -3.32 11.81 14.43
C GLU A 360 -4.65 12.42 13.99
N ASN A 361 -5.27 11.76 13.01
CA ASN A 361 -6.47 12.25 12.34
C ASN A 361 -7.74 12.07 13.17
N TYR A 362 -7.68 11.10 14.08
CA TYR A 362 -8.82 10.76 14.91
C TYR A 362 -9.85 10.01 14.09
N ARG A 363 -9.38 9.06 13.29
CA ARG A 363 -10.32 8.18 12.65
C ARG A 363 -10.23 6.80 13.29
N ALA A 364 -9.15 6.57 14.03
CA ALA A 364 -9.01 5.33 14.79
C ALA A 364 -8.56 5.53 16.24
N ALA A 365 -9.19 4.78 17.15
CA ALA A 365 -8.78 4.71 18.56
C ALA A 365 -8.94 3.32 19.16
N VAL A 366 -8.00 2.94 20.02
CA VAL A 366 -8.23 1.88 20.99
C VAL A 366 -8.12 2.53 22.35
N ILE A 367 -9.10 2.27 23.20
CA ILE A 367 -9.02 2.69 24.61
C ILE A 367 -8.72 1.48 25.51
N LEU A 368 -7.55 1.51 26.14
CA LEU A 368 -7.13 0.41 27.00
C LEU A 368 -7.44 0.67 28.50
N THR A 369 -8.52 0.11 29.03
CA THR A 369 -8.81 0.25 30.48
C THR A 369 -8.40 -0.96 31.32
N ASP A 370 -7.90 -0.64 32.50
CA ASP A 370 -7.57 -1.63 33.54
C ASP A 370 -8.83 -2.20 34.20
N GLU A 371 -8.91 -3.52 34.22
CA GLU A 371 -10.10 -4.22 34.67
C GLU A 371 -9.69 -5.54 35.33
N GLY A 372 -10.24 -5.79 36.51
CA GLY A 372 -9.91 -6.98 37.27
C GLY A 372 -10.53 -6.94 38.65
N LEU A 374 -8.38 -8.17 42.15
CA LEU A 374 -7.38 -7.91 43.17
C LEU A 374 -6.65 -6.61 42.87
N GLY A 375 -6.92 -5.60 43.70
CA GLY A 375 -6.37 -4.27 43.51
C GLY A 375 -7.21 -3.46 42.55
N ALA A 376 -6.55 -2.83 41.58
CA ALA A 376 -7.22 -2.15 40.48
C ALA A 376 -6.88 -2.91 39.21
N SER A 377 -5.88 -3.78 39.35
CA SER A 377 -5.43 -4.69 38.30
C SER A 377 -6.53 -5.73 38.04
N ALA A 378 -6.23 -6.91 37.49
CA ALA A 378 -4.89 -7.35 37.11
C ALA A 378 -4.79 -7.54 35.61
N LEU A 379 -5.95 -7.59 34.95
CA LEU A 379 -6.03 -7.80 33.52
C LEU A 379 -6.13 -6.48 32.78
N ILE A 380 -5.52 -6.43 31.59
CA ILE A 380 -5.66 -5.24 30.76
C ILE A 380 -6.74 -5.49 29.70
N TYR A 381 -7.60 -4.51 29.49
CA TYR A 381 -8.87 -4.76 28.84
C TYR A 381 -9.21 -3.77 27.71
N LEU A 382 -9.63 -4.31 26.58
CA LEU A 382 -9.99 -3.53 25.39
C LEU A 382 -11.42 -2.97 25.44
N ASP A 383 -11.55 -1.75 25.97
CA ASP A 383 -12.86 -1.16 26.21
C ASP A 383 -13.57 -0.76 24.94
N LYS A 384 -12.78 -0.20 24.00
CA LYS A 384 -13.24 0.34 22.72
C LYS A 384 -12.25 0.06 21.60
N PHE A 385 -12.78 -0.27 20.42
CA PHE A 385 -12.10 -0.13 19.14
C PHE A 385 -12.97 0.83 18.35
N ALA A 386 -12.38 1.84 17.72
CA ALA A 386 -13.19 2.83 17.00
C ALA A 386 -12.66 3.25 15.61
N VAL A 387 -12.92 2.43 14.60
CA VAL A 387 -12.53 2.79 13.22
C VAL A 387 -13.69 3.34 12.39
N LEU A 388 -13.42 4.43 11.69
CA LEU A 388 -14.38 5.04 10.78
C LEU A 388 -14.40 4.32 9.44
N ASP A 389 -15.60 4.12 8.89
CA ASP A 389 -15.77 3.48 7.58
C ASP A 389 -14.61 3.75 6.64
N ASP A 390 -14.35 5.04 6.43
CA ASP A 390 -13.32 5.47 5.52
C ASP A 390 -11.94 5.09 6.02
N ALA A 391 -11.82 3.98 6.74
CA ALA A 391 -10.55 3.64 7.37
C ALA A 391 -10.13 2.18 7.41
N GLN A 392 -10.93 1.30 8.03
CA GLN A 392 -10.55 -0.11 8.11
C GLN A 392 -10.26 -0.60 6.69
N GLY A 393 -10.51 0.28 5.72
CA GLY A 393 -10.18 0.04 4.33
C GLY A 393 -8.73 0.38 4.03
N GLU A 394 -8.27 1.54 4.50
CA GLU A 394 -6.86 1.89 4.33
C GLU A 394 -6.00 1.02 5.23
N GLY A 395 -6.65 0.18 6.02
CA GLY A 395 -5.97 -0.63 7.02
C GLY A 395 -5.43 0.23 8.15
N LEU A 396 -6.36 0.91 8.85
CA LEU A 396 -6.03 1.77 9.99
C LEU A 396 -6.39 1.00 11.25
N GLY A 397 -7.63 0.53 11.28
CA GLY A 397 -8.03 -0.49 12.22
C GLY A 397 -6.94 -1.53 12.36
N ARG A 398 -6.20 -1.80 11.30
CA ARG A 398 -5.12 -2.76 11.38
C ARG A 398 -3.82 -2.19 11.95
N ALA A 399 -3.52 -0.92 11.71
CA ALA A 399 -2.22 -0.35 12.11
C ALA A 399 -2.16 0.13 13.56
N VAL A 400 -3.31 0.53 14.09
CA VAL A 400 -3.47 1.11 15.41
C VAL A 400 -3.46 -0.03 16.42
N TRP A 401 -4.35 -0.98 16.22
CA TRP A 401 -4.33 -2.24 16.95
C TRP A 401 -2.98 -2.90 16.83
N ASN A 402 -2.48 -3.14 15.63
CA ASN A 402 -1.12 -3.65 15.52
C ASN A 402 -0.10 -3.00 16.49
N VAL A 403 -0.37 -1.77 16.92
CA VAL A 403 0.66 -0.98 17.59
C VAL A 403 0.52 -1.04 19.10
N ARG A 405 -0.87 -4.27 20.46
CA ARG A 405 -0.44 -5.66 20.68
C ARG A 405 1.07 -5.85 20.43
N GLU A 406 1.84 -4.80 20.71
CA GLU A 406 3.30 -4.87 20.70
C GLU A 406 3.74 -4.18 21.96
N GLU A 407 2.84 -3.34 22.48
CA GLU A 407 3.02 -2.79 23.82
C GLU A 407 2.35 -3.71 24.82
N THR A 408 1.05 -3.97 24.64
CA THR A 408 0.31 -4.80 25.59
C THR A 408 0.06 -6.25 25.16
N PRO A 409 0.76 -7.20 25.83
CA PRO A 409 0.86 -8.63 25.48
C PRO A 409 -0.21 -9.52 26.07
N GLN A 410 -0.93 -9.09 27.10
CA GLN A 410 -2.06 -9.91 27.58
C GLN A 410 -3.37 -9.17 27.44
N LEU A 411 -4.31 -9.78 26.72
CA LEU A 411 -5.40 -9.01 26.12
C LEU A 411 -6.74 -9.72 26.06
N PHE A 412 -7.73 -9.04 26.61
CA PHE A 412 -9.02 -9.64 26.85
C PHE A 412 -10.08 -8.64 26.48
N TRP A 413 -10.99 -9.02 25.61
CA TRP A 413 -12.00 -8.08 25.11
C TRP A 413 -13.36 -8.72 24.88
N ARG A 414 -14.32 -7.88 24.52
CA ARG A 414 -15.68 -8.31 24.31
C ARG A 414 -16.26 -7.66 23.06
N SER A 415 -17.00 -8.45 22.29
CA SER A 415 -17.65 -7.97 21.08
C SER A 415 -18.97 -8.72 20.94
N ARG A 416 -20.03 -8.00 20.55
CA ARG A 416 -21.34 -8.63 20.40
C ARG A 416 -21.30 -9.76 19.37
N HIS A 417 -22.47 -10.30 19.04
CA HIS A 417 -22.56 -11.38 18.06
C HIS A 417 -22.72 -10.83 16.62
N ASN A 418 -23.45 -9.73 16.47
CA ASN A 418 -23.70 -9.17 15.15
C ASN A 418 -22.63 -8.18 14.69
N ASN A 419 -21.57 -8.04 15.48
CA ASN A 419 -20.48 -7.15 15.11
C ASN A 419 -19.82 -7.61 13.81
N GLN A 420 -19.54 -6.65 12.94
CA GLN A 420 -18.87 -6.94 11.68
C GLN A 420 -17.49 -7.55 11.95
N VAL A 421 -16.64 -6.77 12.60
CA VAL A 421 -15.21 -7.07 12.70
C VAL A 421 -14.82 -8.22 13.64
N ASN A 422 -15.72 -9.17 13.84
CA ASN A 422 -15.43 -10.32 14.70
C ASN A 422 -14.36 -11.22 14.14
N ILE A 423 -14.25 -11.25 12.82
CA ILE A 423 -13.34 -12.15 12.15
C ILE A 423 -11.91 -11.63 12.21
N PHE A 424 -11.77 -10.31 12.28
CA PHE A 424 -10.48 -9.71 12.56
C PHE A 424 -10.01 -10.28 13.86
N TYR A 425 -10.92 -10.16 14.82
CA TYR A 425 -10.72 -10.64 16.16
C TYR A 425 -10.31 -12.10 16.12
N TYR A 426 -11.24 -13.00 15.84
CA TYR A 426 -10.89 -14.41 15.68
C TYR A 426 -9.49 -14.62 15.09
N ALA A 427 -9.01 -13.68 14.28
CA ALA A 427 -7.63 -13.74 13.85
C ALA A 427 -6.73 -13.57 15.08
N GLU A 428 -6.58 -12.33 15.54
CA GLU A 428 -5.86 -11.98 16.78
C GLU A 428 -6.13 -12.87 18.01
N SER A 429 -7.40 -12.91 18.39
CA SER A 429 -7.87 -13.76 19.47
C SER A 429 -6.91 -14.92 19.53
N ASP A 430 -6.70 -15.38 20.76
CA ASP A 430 -5.78 -16.46 21.05
C ASP A 430 -6.65 -17.59 21.44
N GLY A 431 -7.86 -17.21 21.81
CA GLY A 431 -8.91 -18.13 22.17
C GLY A 431 -10.19 -17.33 22.18
N CYS A 432 -11.32 -18.01 22.15
CA CYS A 432 -12.61 -17.33 22.14
C CYS A 432 -13.73 -18.14 22.78
N ILE A 433 -14.71 -17.44 23.33
CA ILE A 433 -15.87 -18.12 23.91
C ILE A 433 -17.10 -17.27 23.71
N LYS A 434 -18.23 -17.95 23.49
CA LYS A 434 -19.44 -17.27 23.04
C LYS A 434 -20.55 -17.22 24.08
N GLN A 435 -21.44 -16.25 23.91
CA GLN A 435 -22.66 -16.13 24.68
C GLN A 435 -23.64 -15.39 23.79
N GLU A 436 -24.90 -15.82 23.75
CA GLU A 436 -25.89 -15.21 22.85
C GLU A 436 -25.90 -13.69 22.91
N LYS A 437 -25.28 -13.14 23.94
CA LYS A 437 -25.29 -11.70 24.16
C LYS A 437 -23.92 -11.07 23.89
N TRP A 438 -22.86 -11.85 24.05
CA TRP A 438 -21.50 -11.35 23.88
C TRP A 438 -20.54 -12.44 23.44
N LYS A 439 -19.48 -12.04 22.73
CA LYS A 439 -18.41 -12.95 22.37
C LYS A 439 -17.13 -12.47 23.03
N VAL A 440 -16.32 -13.40 23.54
CA VAL A 440 -15.16 -13.03 24.34
C VAL A 440 -13.83 -13.59 23.83
N PHE A 441 -12.81 -12.74 23.81
CA PHE A 441 -11.53 -13.10 23.22
C PHE A 441 -10.38 -12.73 24.15
N TRP A 442 -9.36 -13.57 24.16
CA TRP A 442 -8.18 -13.29 24.97
C TRP A 442 -6.92 -13.53 24.15
N TYR A 443 -5.81 -12.97 24.62
CA TYR A 443 -4.62 -12.89 23.81
C TYR A 443 -3.36 -13.08 24.65
N GLY A 444 -2.80 -14.28 24.57
CA GLY A 444 -1.59 -14.62 25.31
C GLY A 444 -1.54 -16.07 25.77
N LEU A 445 -0.33 -16.58 25.98
CA LEU A 445 -0.16 -17.94 26.49
C LEU A 445 -0.13 -17.95 28.02
N GLU A 446 -0.99 -18.76 28.62
CA GLU A 446 -0.98 -18.93 30.07
C GLU A 446 -1.16 -20.41 30.40
N ASN A 447 -0.21 -20.95 31.16
CA ASN A 447 -0.19 -22.38 31.50
C ASN A 447 -1.58 -22.96 31.76
N PHE A 448 -1.71 -24.27 31.58
CA PHE A 448 -2.98 -24.97 31.69
C PHE A 448 -3.85 -24.56 32.88
N GLU A 449 -3.28 -24.53 34.08
CA GLU A 449 -4.02 -24.16 35.27
C GLU A 449 -4.05 -22.65 35.43
N GLN A 450 -3.10 -21.99 34.79
CA GLN A 450 -2.99 -20.54 34.89
C GLN A 450 -3.97 -19.82 33.97
N ILE A 451 -4.46 -20.50 32.94
CA ILE A 451 -5.48 -19.95 32.07
C ILE A 451 -6.88 -19.92 32.69
N GLN A 452 -7.51 -21.08 32.76
CA GLN A 452 -8.89 -21.21 33.25
C GLN A 452 -9.24 -20.17 34.32
N HIS A 453 -8.31 -19.93 35.24
CA HIS A 453 -8.48 -18.99 36.34
C HIS A 453 -8.74 -17.57 35.82
N CYS A 454 -7.84 -17.08 34.97
CA CYS A 454 -7.96 -15.72 34.43
C CYS A 454 -8.94 -15.63 33.26
N VAL A 455 -9.26 -16.76 32.64
CA VAL A 455 -10.21 -16.77 31.54
C VAL A 455 -11.64 -16.66 32.03
N ALA A 456 -11.94 -17.29 33.16
CA ALA A 456 -13.27 -17.19 33.76
C ALA A 456 -13.52 -15.75 34.21
N HIS A 457 -12.43 -15.04 34.52
CA HIS A 457 -12.49 -13.66 34.97
C HIS A 457 -13.07 -12.73 33.91
N CYS A 458 -12.39 -12.61 32.79
CA CYS A 458 -12.84 -11.68 31.76
C CYS A 458 -14.27 -11.98 31.32
N ALA A 459 -14.73 -13.19 31.61
CA ALA A 459 -16.12 -13.53 31.37
C ALA A 459 -16.89 -13.48 32.69
N THR A 460 -16.66 -12.42 33.43
CA THR A 460 -17.32 -12.20 34.70
C THR A 460 -17.26 -10.72 35.08
N ARG A 461 -16.13 -10.08 34.81
CA ARG A 461 -16.05 -8.64 34.99
C ARG A 461 -16.58 -7.90 33.76
N GLN A 462 -16.56 -8.58 32.62
CA GLN A 462 -16.95 -7.96 31.36
C GLN A 462 -18.47 -8.00 31.12
N PRO A 463 -19.17 -8.99 31.68
CA PRO A 463 -20.64 -8.97 31.60
C PRO A 463 -21.18 -7.73 32.30
N THR A 464 -20.35 -7.12 33.12
CA THR A 464 -20.79 -6.03 33.99
C THR A 464 -20.19 -4.68 33.60
N LEU A 465 -19.67 -4.59 32.39
CA LEU A 465 -19.12 -3.32 31.91
C LEU A 465 -20.20 -2.49 31.24
N LEU A 466 -21.09 -3.16 30.51
CA LEU A 466 -22.19 -2.45 29.89
C LEU A 466 -23.42 -2.44 30.81
N GLY A 467 -23.32 -3.15 31.93
CA GLY A 467 -24.44 -3.37 32.83
C GLY A 467 -25.54 -2.32 32.77
#